data_9MH5
#
_entry.id   9MH5
#
_cell.length_a   35.489
_cell.length_b   100.555
_cell.length_c   39.340
_cell.angle_alpha   90.000
_cell.angle_beta   106.550
_cell.angle_gamma   90.000
#
_symmetry.space_group_name_H-M   'P 1 21 1'
#
loop_
_entity.id
_entity.type
_entity.pdbx_description
1 polymer 'Aminoglycoside N-acetyltransferase AAC(3)-XI'
2 non-polymer 'COENZYME A'
3 non-polymer acetylsisomicin
4 non-polymer 'ACETYL COENZYME *A'
5 water water
#
_entity_poly.entity_id   1
_entity_poly.type   'polypeptide(L)'
_entity_poly.pdbx_seq_one_letter_code
;MTTTNEIRVAEVADAGVVAKLLRDFNTEFDTPVPEGLEERFAQIIAHDDAFVLLAGDIGFAYVTLRPSPYYDGPVAMLDE
LYVAPAHRNRGVGTALLQRVFEEIRKHSAGELQINVDEVDTDARRFYERHGLTNIEQGSRMLLYIREL
;
_entity_poly.pdbx_strand_id   A,B
#
loop_
_chem_comp.id
_chem_comp.type
_chem_comp.name
_chem_comp.formula
ACO non-polymer 'ACETYL COENZYME *A' 'C23 H38 N7 O17 P3 S'
COA non-polymer 'COENZYME A' 'C21 H36 N7 O16 P3 S'
DVM non-polymer acetylsisomicin 'C21 H39 N5 O8'
#
# COMPACT_ATOMS: atom_id res chain seq x y z
N GLU A 6 3.06 -26.40 -10.49
CA GLU A 6 3.40 -25.14 -11.10
C GLU A 6 2.66 -24.00 -10.38
N ILE A 7 3.04 -22.78 -10.67
CA ILE A 7 2.35 -21.60 -10.11
C ILE A 7 1.33 -21.17 -11.14
N ARG A 8 0.14 -20.81 -10.68
N ARG A 8 0.13 -20.84 -10.69
CA ARG A 8 -0.91 -20.37 -11.59
CA ARG A 8 -0.93 -20.40 -11.57
C ARG A 8 -1.61 -19.15 -11.01
C ARG A 8 -1.62 -19.16 -11.01
N VAL A 9 -2.22 -18.38 -11.89
CA VAL A 9 -3.10 -17.28 -11.49
C VAL A 9 -4.44 -17.85 -11.09
N ALA A 10 -4.88 -17.52 -9.88
CA ALA A 10 -6.13 -18.03 -9.34
C ALA A 10 -7.31 -17.49 -10.11
N GLU A 11 -8.29 -18.37 -10.28
CA GLU A 11 -9.60 -18.04 -10.84
C GLU A 11 -10.57 -17.88 -9.70
N VAL A 12 -11.75 -17.34 -10.00
CA VAL A 12 -12.82 -17.25 -9.01
C VAL A 12 -13.11 -18.60 -8.38
N ALA A 13 -13.06 -19.69 -9.16
CA ALA A 13 -13.29 -21.03 -8.62
C ALA A 13 -12.29 -21.43 -7.55
N ASP A 14 -11.14 -20.74 -7.46
CA ASP A 14 -10.13 -21.05 -6.47
C ASP A 14 -10.29 -20.26 -5.18
N ALA A 15 -11.37 -19.49 -5.04
CA ALA A 15 -11.51 -18.62 -3.86
C ALA A 15 -11.45 -19.40 -2.56
N GLY A 16 -12.04 -20.60 -2.53
CA GLY A 16 -12.03 -21.39 -1.33
C GLY A 16 -10.63 -21.78 -0.88
N VAL A 17 -9.78 -22.18 -1.84
CA VAL A 17 -8.42 -22.57 -1.50
C VAL A 17 -7.63 -21.36 -1.00
N VAL A 18 -7.78 -20.21 -1.65
CA VAL A 18 -7.09 -19.01 -1.20
C VAL A 18 -7.54 -18.65 0.22
N ALA A 19 -8.86 -18.66 0.46
CA ALA A 19 -9.38 -18.35 1.78
C ALA A 19 -8.81 -19.30 2.83
N LYS A 20 -8.75 -20.60 2.51
N LYS A 20 -8.74 -20.59 2.51
CA LYS A 20 -8.19 -21.59 3.43
CA LYS A 20 -8.19 -21.56 3.46
C LYS A 20 -6.75 -21.24 3.79
C LYS A 20 -6.75 -21.22 3.80
N LEU A 21 -5.94 -20.91 2.78
CA LEU A 21 -4.55 -20.60 3.06
C LEU A 21 -4.40 -19.32 3.88
N LEU A 22 -5.19 -18.31 3.60
CA LEU A 22 -5.10 -17.08 4.41
C LEU A 22 -5.54 -17.36 5.85
N ARG A 23 -6.61 -18.14 6.03
CA ARG A 23 -6.99 -18.54 7.37
C ARG A 23 -5.88 -19.28 8.08
N ASP A 24 -5.22 -20.22 7.39
CA ASP A 24 -4.12 -20.96 8.00
C ASP A 24 -2.99 -20.02 8.40
N PHE A 25 -2.65 -19.08 7.52
CA PHE A 25 -1.61 -18.10 7.83
C PHE A 25 -1.96 -17.33 9.09
N ASN A 26 -3.17 -16.83 9.19
N ASN A 26 -3.16 -16.77 9.15
CA ASN A 26 -3.50 -15.99 10.33
CA ASN A 26 -3.60 -16.03 10.31
C ASN A 26 -3.65 -16.84 11.59
C ASN A 26 -3.51 -16.90 11.55
N THR A 27 -4.05 -18.11 11.45
CA THR A 27 -4.08 -19.01 12.63
C THR A 27 -2.68 -19.27 13.14
N GLU A 28 -1.73 -19.51 12.23
CA GLU A 28 -0.36 -19.77 12.64
C GLU A 28 0.24 -18.61 13.44
N PHE A 29 -0.07 -17.38 13.05
CA PHE A 29 0.49 -16.20 13.67
C PHE A 29 -0.46 -15.58 14.69
N ASP A 30 -1.55 -16.26 15.00
CA ASP A 30 -2.46 -15.81 16.06
C ASP A 30 -2.97 -14.40 15.77
N THR A 31 -3.34 -14.16 14.51
N THR A 31 -3.33 -14.16 14.50
CA THR A 31 -3.87 -12.92 13.95
CA THR A 31 -3.88 -12.91 14.02
C THR A 31 -5.34 -13.11 13.61
C THR A 31 -5.34 -13.11 13.67
N PRO A 32 -6.18 -12.08 13.79
CA PRO A 32 -7.62 -12.28 13.59
C PRO A 32 -7.99 -12.69 12.17
N VAL A 33 -9.01 -13.53 12.09
CA VAL A 33 -9.55 -14.04 10.83
C VAL A 33 -10.93 -13.41 10.63
N PRO A 34 -11.15 -12.68 9.54
CA PRO A 34 -12.47 -12.11 9.30
C PRO A 34 -13.45 -13.16 8.79
N GLU A 35 -14.73 -12.92 9.05
CA GLU A 35 -15.78 -13.70 8.39
C GLU A 35 -15.82 -13.36 6.91
N GLY A 36 -16.22 -14.33 6.09
CA GLY A 36 -16.49 -14.07 4.70
C GLY A 36 -15.30 -14.05 3.76
N LEU A 37 -14.17 -14.67 4.15
CA LEU A 37 -12.99 -14.62 3.31
C LEU A 37 -13.25 -15.19 1.93
N GLU A 38 -13.93 -16.32 1.84
CA GLU A 38 -14.12 -16.94 0.54
C GLU A 38 -14.90 -16.04 -0.38
N GLU A 39 -16.04 -15.51 0.09
CA GLU A 39 -16.86 -14.66 -0.74
C GLU A 39 -16.14 -13.39 -1.13
N ARG A 40 -15.36 -12.81 -0.23
CA ARG A 40 -14.59 -11.62 -0.59
C ARG A 40 -13.51 -11.95 -1.62
N PHE A 41 -12.77 -13.05 -1.43
CA PHE A 41 -11.77 -13.40 -2.43
C PHE A 41 -12.42 -13.67 -3.78
N ALA A 42 -13.62 -14.26 -3.82
CA ALA A 42 -14.28 -14.49 -5.10
C ALA A 42 -14.52 -13.15 -5.80
N GLN A 43 -14.97 -12.13 -5.08
CA GLN A 43 -15.18 -10.84 -5.68
C GLN A 43 -13.86 -10.19 -6.09
N ILE A 44 -12.85 -10.25 -5.23
CA ILE A 44 -11.56 -9.64 -5.51
C ILE A 44 -10.91 -10.26 -6.74
N ILE A 45 -10.95 -11.58 -6.84
CA ILE A 45 -10.29 -12.27 -7.96
C ILE A 45 -10.97 -11.95 -9.25
N ALA A 46 -12.28 -11.65 -9.24
CA ALA A 46 -13.00 -11.33 -10.45
C ALA A 46 -12.59 -10.00 -11.02
N HIS A 47 -11.99 -9.13 -10.21
CA HIS A 47 -11.72 -7.79 -10.68
C HIS A 47 -10.28 -7.61 -11.15
N ASP A 48 -10.04 -6.42 -11.66
CA ASP A 48 -8.97 -6.16 -12.58
C ASP A 48 -7.73 -5.62 -11.87
N ASP A 49 -7.88 -5.20 -10.61
CA ASP A 49 -6.83 -4.52 -9.87
C ASP A 49 -6.21 -5.38 -8.79
N ALA A 50 -6.38 -6.70 -8.87
CA ALA A 50 -5.75 -7.59 -7.93
C ALA A 50 -5.69 -8.97 -8.53
N PHE A 51 -4.77 -9.75 -8.04
CA PHE A 51 -4.68 -11.15 -8.42
C PHE A 51 -4.07 -11.96 -7.31
N VAL A 52 -4.30 -13.27 -7.39
CA VAL A 52 -3.67 -14.21 -6.48
C VAL A 52 -2.93 -15.24 -7.34
N LEU A 53 -1.71 -15.57 -6.90
CA LEU A 53 -0.96 -16.71 -7.43
C LEU A 53 -1.01 -17.86 -6.47
N LEU A 54 -1.24 -19.06 -6.97
CA LEU A 54 -1.31 -20.28 -6.19
C LEU A 54 -0.17 -21.21 -6.58
N ALA A 55 0.50 -21.74 -5.56
CA ALA A 55 1.42 -22.87 -5.70
C ALA A 55 0.65 -24.11 -5.26
N GLY A 56 0.07 -24.81 -6.22
CA GLY A 56 -0.77 -25.95 -5.89
C GLY A 56 -1.81 -25.48 -4.91
N ASP A 57 -1.98 -26.23 -3.82
CA ASP A 57 -2.83 -25.80 -2.72
C ASP A 57 -2.04 -25.53 -1.45
N ILE A 58 -0.75 -25.19 -1.58
CA ILE A 58 0.12 -25.10 -0.41
C ILE A 58 0.80 -23.75 -0.27
N GLY A 59 0.58 -22.81 -1.19
CA GLY A 59 1.11 -21.48 -1.00
C GLY A 59 0.43 -20.49 -1.92
N PHE A 60 0.52 -19.20 -1.55
CA PHE A 60 -0.10 -18.19 -2.35
C PHE A 60 0.57 -16.85 -2.19
N ALA A 61 0.33 -15.99 -3.20
CA ALA A 61 0.71 -14.59 -3.16
C ALA A 61 -0.50 -13.78 -3.56
N TYR A 62 -0.85 -12.76 -2.79
CA TYR A 62 -1.96 -11.88 -3.11
C TYR A 62 -1.41 -10.49 -3.39
N VAL A 63 -1.66 -9.98 -4.59
CA VAL A 63 -1.11 -8.73 -5.09
C VAL A 63 -2.23 -7.76 -5.46
N THR A 64 -2.10 -6.51 -5.03
CA THR A 64 -2.98 -5.45 -5.46
C THR A 64 -2.23 -4.45 -6.32
N LEU A 65 -2.96 -3.77 -7.18
CA LEU A 65 -2.46 -2.76 -8.07
C LEU A 65 -3.20 -1.48 -7.82
N ARG A 66 -2.49 -0.37 -7.77
CA ARG A 66 -3.14 0.91 -7.50
C ARG A 66 -2.39 2.00 -8.26
N PRO A 67 -3.03 3.12 -8.56
CA PRO A 67 -2.41 4.11 -9.45
C PRO A 67 -1.35 4.92 -8.75
N SER A 68 -0.42 5.47 -9.54
CA SER A 68 0.59 6.35 -9.09
C SER A 68 0.82 7.44 -10.13
N PRO A 69 1.03 8.68 -9.71
CA PRO A 69 1.38 9.74 -10.68
C PRO A 69 2.75 9.59 -11.26
N TYR A 70 3.59 8.68 -10.74
CA TYR A 70 4.99 8.57 -11.16
C TYR A 70 5.20 7.61 -12.32
N TYR A 71 4.21 6.78 -12.64
CA TYR A 71 4.37 5.78 -13.67
C TYR A 71 3.10 5.66 -14.50
N ASP A 72 3.20 5.21 -15.75
CA ASP A 72 1.98 4.95 -16.49
C ASP A 72 1.26 3.73 -15.92
N GLY A 73 2.01 2.77 -15.44
CA GLY A 73 1.45 1.58 -14.86
C GLY A 73 1.23 1.74 -13.36
N PRO A 74 0.76 0.66 -12.75
CA PRO A 74 0.42 0.74 -11.33
C PRO A 74 1.63 0.60 -10.42
N VAL A 75 1.44 0.92 -9.15
CA VAL A 75 2.28 0.40 -8.08
C VAL A 75 1.64 -0.87 -7.59
N ALA A 76 2.43 -1.94 -7.49
CA ALA A 76 1.98 -3.22 -7.02
C ALA A 76 2.36 -3.39 -5.55
N MET A 77 1.45 -4.02 -4.81
N MET A 77 1.47 -4.04 -4.81
CA MET A 77 1.70 -4.36 -3.43
CA MET A 77 1.75 -4.33 -3.42
C MET A 77 1.52 -5.86 -3.27
C MET A 77 1.49 -5.82 -3.18
N LEU A 78 2.49 -6.50 -2.66
CA LEU A 78 2.35 -7.92 -2.26
C LEU A 78 1.77 -7.90 -0.85
N ASP A 79 0.46 -8.00 -0.80
CA ASP A 79 -0.28 -7.85 0.46
C ASP A 79 -0.17 -9.10 1.31
N GLU A 80 0.01 -10.30 0.74
CA GLU A 80 0.13 -11.52 1.53
C GLU A 80 1.03 -12.49 0.75
N LEU A 81 1.97 -13.11 1.44
CA LEU A 81 2.75 -14.17 0.84
C LEU A 81 2.93 -15.27 1.87
N TYR A 82 2.57 -16.49 1.50
CA TYR A 82 2.54 -17.57 2.49
C TYR A 82 2.79 -18.90 1.81
N VAL A 83 3.65 -19.72 2.42
CA VAL A 83 3.83 -21.12 2.06
C VAL A 83 3.52 -21.95 3.31
N ALA A 84 2.74 -23.02 3.12
CA ALA A 84 2.39 -23.88 4.23
C ALA A 84 3.66 -24.39 4.92
N PRO A 85 3.64 -24.54 6.25
CA PRO A 85 4.89 -24.87 6.96
C PRO A 85 5.60 -26.08 6.42
N ALA A 86 4.87 -27.15 6.09
CA ALA A 86 5.51 -28.39 5.66
C ALA A 86 6.19 -28.25 4.30
N HIS A 87 5.96 -27.14 3.59
CA HIS A 87 6.51 -26.96 2.26
C HIS A 87 7.51 -25.82 2.16
N ARG A 88 7.96 -25.29 3.29
CA ARG A 88 8.89 -24.17 3.27
C ARG A 88 10.32 -24.65 3.04
N ASN A 89 11.19 -23.71 2.67
N ASN A 89 11.19 -23.71 2.69
CA ASN A 89 12.62 -23.97 2.54
CA ASN A 89 12.62 -23.95 2.55
C ASN A 89 12.96 -24.85 1.35
C ASN A 89 12.95 -24.86 1.37
N ARG A 90 12.05 -24.98 0.39
CA ARG A 90 12.28 -25.80 -0.79
C ARG A 90 12.19 -25.00 -2.08
N GLY A 91 12.09 -23.67 -2.01
CA GLY A 91 12.01 -22.85 -3.20
C GLY A 91 10.63 -22.41 -3.62
N VAL A 92 9.58 -22.79 -2.89
CA VAL A 92 8.23 -22.40 -3.29
C VAL A 92 8.05 -20.89 -3.20
N GLY A 93 8.46 -20.29 -2.07
CA GLY A 93 8.33 -18.84 -1.93
C GLY A 93 9.11 -18.08 -2.98
N THR A 94 10.32 -18.54 -3.28
CA THR A 94 11.12 -17.95 -4.35
C THR A 94 10.36 -17.99 -5.67
N ALA A 95 9.73 -19.14 -5.99
CA ALA A 95 9.00 -19.28 -7.24
C ALA A 95 7.79 -18.37 -7.28
N LEU A 96 7.09 -18.26 -6.14
CA LEU A 96 5.92 -17.38 -6.07
C LEU A 96 6.34 -15.93 -6.31
N LEU A 97 7.42 -15.49 -5.66
CA LEU A 97 7.88 -14.12 -5.80
C LEU A 97 8.40 -13.83 -7.21
N GLN A 98 9.11 -14.79 -7.83
CA GLN A 98 9.51 -14.63 -9.23
C GLN A 98 8.29 -14.41 -10.11
N ARG A 99 7.21 -15.20 -9.87
CA ARG A 99 6.00 -15.06 -10.67
C ARG A 99 5.26 -13.75 -10.36
N VAL A 100 5.36 -13.26 -9.14
CA VAL A 100 4.84 -11.93 -8.85
C VAL A 100 5.50 -10.89 -9.75
N PHE A 101 6.84 -10.92 -9.81
CA PHE A 101 7.53 -9.94 -10.66
C PHE A 101 7.13 -10.12 -12.12
N GLU A 102 7.03 -11.37 -12.58
CA GLU A 102 6.62 -11.64 -13.95
C GLU A 102 5.21 -11.10 -14.25
N GLU A 103 4.28 -11.30 -13.31
CA GLU A 103 2.93 -10.88 -13.63
C GLU A 103 2.76 -9.38 -13.53
N ILE A 104 3.41 -8.74 -12.56
CA ILE A 104 3.28 -7.28 -12.49
C ILE A 104 4.01 -6.62 -13.66
N ARG A 105 5.04 -7.29 -14.26
CA ARG A 105 5.68 -6.72 -15.43
C ARG A 105 4.72 -6.70 -16.62
N LYS A 106 3.79 -7.66 -16.66
CA LYS A 106 2.76 -7.64 -17.71
C LYS A 106 1.89 -6.41 -17.60
N HIS A 107 1.72 -5.90 -16.39
CA HIS A 107 0.97 -4.68 -16.11
C HIS A 107 1.85 -3.44 -16.16
N SER A 108 3.14 -3.58 -16.48
CA SER A 108 4.06 -2.45 -16.52
C SER A 108 4.10 -1.73 -15.17
N ALA A 109 3.99 -2.48 -14.07
CA ALA A 109 4.04 -1.90 -12.75
C ALA A 109 5.39 -1.21 -12.52
N GLY A 110 5.37 -0.03 -11.94
CA GLY A 110 6.57 0.76 -11.72
C GLY A 110 7.36 0.37 -10.49
N GLU A 111 6.76 -0.34 -9.56
CA GLU A 111 7.35 -0.65 -8.27
C GLU A 111 6.56 -1.78 -7.61
N LEU A 112 7.23 -2.60 -6.81
CA LEU A 112 6.62 -3.53 -5.88
C LEU A 112 6.91 -3.07 -4.47
N GLN A 113 5.87 -3.07 -3.64
CA GLN A 113 5.95 -2.71 -2.23
C GLN A 113 5.47 -3.89 -1.41
N ILE A 114 6.08 -4.10 -0.24
CA ILE A 114 5.72 -5.17 0.68
C ILE A 114 5.84 -4.63 2.10
N ASN A 115 4.84 -4.80 2.91
N ASN A 115 4.81 -4.83 2.93
CA ASN A 115 4.94 -4.49 4.32
CA ASN A 115 4.82 -4.49 4.37
C ASN A 115 5.31 -5.76 5.05
C ASN A 115 5.23 -5.75 5.12
N VAL A 116 6.28 -5.64 5.95
CA VAL A 116 6.90 -6.76 6.63
C VAL A 116 7.09 -6.39 8.11
N ASP A 117 6.77 -7.30 9.02
N ASP A 117 6.73 -7.28 9.02
CA ASP A 117 7.03 -7.05 10.42
CA ASP A 117 7.05 -7.02 10.42
C ASP A 117 8.53 -7.18 10.70
C ASP A 117 8.54 -7.16 10.67
N GLU A 118 9.08 -6.21 11.43
CA GLU A 118 10.50 -6.19 11.70
C GLU A 118 10.96 -7.47 12.34
N VAL A 119 10.15 -8.08 13.22
CA VAL A 119 10.55 -9.29 13.91
C VAL A 119 10.66 -10.49 13.00
N ASP A 120 10.14 -10.40 11.77
N ASP A 120 10.14 -10.43 11.78
CA ASP A 120 10.17 -11.47 10.77
CA ASP A 120 10.17 -11.58 10.88
C ASP A 120 11.55 -11.48 10.10
C ASP A 120 11.49 -11.58 10.12
N THR A 121 12.57 -11.88 10.86
CA THR A 121 13.92 -11.78 10.32
C THR A 121 14.15 -12.79 9.19
N ASP A 122 13.58 -13.97 9.31
CA ASP A 122 13.72 -14.96 8.23
C ASP A 122 13.03 -14.48 6.94
N ALA A 123 11.83 -13.89 7.04
CA ALA A 123 11.18 -13.35 5.86
C ALA A 123 11.94 -12.17 5.29
N ARG A 124 12.48 -11.30 6.15
CA ARG A 124 13.24 -10.17 5.67
C ARG A 124 14.50 -10.60 4.93
N ARG A 125 15.19 -11.63 5.41
CA ARG A 125 16.35 -12.18 4.72
C ARG A 125 15.93 -12.64 3.32
N PHE A 126 14.80 -13.34 3.24
CA PHE A 126 14.25 -13.77 1.96
C PHE A 126 14.03 -12.59 1.02
N TYR A 127 13.37 -11.55 1.46
CA TYR A 127 13.09 -10.44 0.56
C TYR A 127 14.37 -9.73 0.15
N GLU A 128 15.30 -9.56 1.07
CA GLU A 128 16.58 -8.91 0.72
C GLU A 128 17.35 -9.72 -0.31
N ARG A 129 17.35 -11.05 -0.17
CA ARG A 129 18.06 -11.89 -1.13
C ARG A 129 17.46 -11.80 -2.51
N HIS A 130 16.21 -11.38 -2.64
CA HIS A 130 15.48 -11.35 -3.89
C HIS A 130 15.19 -9.91 -4.36
N GLY A 131 16.03 -8.96 -3.94
CA GLY A 131 16.07 -7.65 -4.57
C GLY A 131 15.21 -6.57 -3.96
N LEU A 132 14.63 -6.79 -2.81
N LEU A 132 14.64 -6.79 -2.78
CA LEU A 132 13.84 -5.76 -2.16
CA LEU A 132 13.81 -5.80 -2.10
C LEU A 132 14.71 -5.04 -1.14
C LEU A 132 14.61 -5.08 -1.03
N THR A 133 14.40 -3.77 -0.92
CA THR A 133 15.17 -2.96 0.02
C THR A 133 14.24 -2.20 0.96
N ASN A 134 14.69 -2.06 2.20
CA ASN A 134 14.00 -1.24 3.20
C ASN A 134 14.62 0.13 3.32
N ILE A 135 15.64 0.45 2.51
N ILE A 135 15.64 0.46 2.52
CA ILE A 135 16.40 1.69 2.67
CA ILE A 135 16.41 1.69 2.71
C ILE A 135 16.11 2.63 1.50
C ILE A 135 16.20 2.64 1.53
N GLU A 136 15.88 3.89 1.84
CA GLU A 136 15.71 4.97 0.87
C GLU A 136 16.53 6.13 1.40
N GLN A 137 17.56 6.55 0.64
CA GLN A 137 18.36 7.71 1.02
C GLN A 137 18.92 7.58 2.43
N GLY A 138 19.41 6.39 2.76
CA GLY A 138 20.02 6.17 4.06
C GLY A 138 19.08 6.04 5.22
N SER A 139 17.77 5.94 4.97
CA SER A 139 16.77 5.78 6.04
C SER A 139 15.96 4.53 5.79
N ARG A 140 15.64 3.82 6.86
CA ARG A 140 14.61 2.77 6.77
C ARG A 140 13.27 3.38 6.47
N MET A 141 12.41 2.57 5.84
CA MET A 141 11.03 2.95 5.55
C MET A 141 10.09 2.20 6.48
N LEU A 142 9.16 2.94 7.07
CA LEU A 142 8.19 2.42 8.06
C LEU A 142 6.78 2.48 7.50
N LEU A 143 5.93 1.58 8.01
CA LEU A 143 4.50 1.61 7.73
C LEU A 143 3.76 2.02 8.99
N TYR A 144 2.92 3.03 8.85
CA TYR A 144 1.96 3.44 9.90
C TYR A 144 0.55 3.12 9.46
N ILE A 145 -0.27 2.69 10.43
CA ILE A 145 -1.66 2.30 10.12
C ILE A 145 -2.60 2.86 11.17
N ARG A 146 -3.86 3.00 10.77
CA ARG A 146 -4.97 3.06 11.73
C ARG A 146 -6.07 2.12 11.28
N GLU A 147 -6.47 1.19 12.15
CA GLU A 147 -7.59 0.32 11.90
C GLU A 147 -8.87 1.08 12.16
N LEU A 148 -9.85 0.89 11.31
CA LEU A 148 -11.10 1.68 11.33
C LEU A 148 -12.30 0.77 11.35
N GLU B 6 -12.12 25.23 3.14
CA GLU B 6 -10.93 25.38 2.30
C GLU B 6 -10.28 24.06 1.83
N ILE B 7 -10.55 22.95 2.52
CA ILE B 7 -10.23 21.64 1.92
C ILE B 7 -11.34 21.24 0.98
N ARG B 8 -10.96 20.66 -0.15
N ARG B 8 -10.98 20.81 -0.21
CA ARG B 8 -11.89 20.33 -1.21
CA ARG B 8 -11.98 20.26 -1.13
C ARG B 8 -11.37 19.12 -1.94
C ARG B 8 -11.40 19.11 -1.90
N VAL B 9 -12.28 18.36 -2.56
CA VAL B 9 -11.89 17.24 -3.39
C VAL B 9 -11.51 17.78 -4.77
N ALA B 10 -10.32 17.45 -5.22
CA ALA B 10 -9.83 17.90 -6.52
C ALA B 10 -10.67 17.33 -7.64
N GLU B 11 -10.94 18.19 -8.64
CA GLU B 11 -11.54 17.78 -9.91
C GLU B 11 -10.42 17.57 -10.94
N VAL B 12 -10.80 16.96 -12.07
CA VAL B 12 -9.83 16.69 -13.12
C VAL B 12 -9.08 17.96 -13.48
N ALA B 13 -9.79 19.09 -13.56
CA ALA B 13 -9.18 20.34 -13.95
C ALA B 13 -8.20 20.89 -12.92
N ASP B 14 -8.12 20.31 -11.73
CA ASP B 14 -7.15 20.71 -10.72
C ASP B 14 -5.82 19.95 -10.83
N ALA B 15 -5.67 19.09 -11.84
CA ALA B 15 -4.46 18.27 -11.90
C ALA B 15 -3.18 19.11 -11.93
N GLY B 16 -3.22 20.30 -12.55
CA GLY B 16 -2.04 21.13 -12.63
C GLY B 16 -1.53 21.61 -11.29
N VAL B 17 -2.45 22.03 -10.40
CA VAL B 17 -2.07 22.46 -9.08
C VAL B 17 -1.52 21.31 -8.25
N VAL B 18 -2.16 20.14 -8.33
CA VAL B 18 -1.64 18.98 -7.61
C VAL B 18 -0.23 18.63 -8.10
N ALA B 19 -0.04 18.61 -9.41
CA ALA B 19 1.28 18.27 -9.94
C ALA B 19 2.34 19.28 -9.49
N LYS B 20 1.99 20.57 -9.49
CA LYS B 20 2.92 21.58 -9.01
C LYS B 20 3.32 21.34 -7.57
N LEU B 21 2.35 20.99 -6.71
CA LEU B 21 2.67 20.74 -5.33
C LEU B 21 3.53 19.49 -5.18
N LEU B 22 3.24 18.43 -5.93
CA LEU B 22 4.08 17.23 -5.86
C LEU B 22 5.50 17.54 -6.35
N ARG B 23 5.64 18.35 -7.41
CA ARG B 23 6.96 18.79 -7.85
C ARG B 23 7.68 19.54 -6.73
N ASP B 24 6.98 20.45 -6.05
CA ASP B 24 7.59 21.18 -4.94
C ASP B 24 8.04 20.23 -3.84
N PHE B 25 7.21 19.26 -3.50
CA PHE B 25 7.56 18.25 -2.49
C PHE B 25 8.84 17.53 -2.87
N ASN B 26 8.92 17.06 -4.11
CA ASN B 26 10.12 16.35 -4.54
C ASN B 26 11.32 17.27 -4.53
N THR B 27 11.15 18.51 -5.01
CA THR B 27 12.27 19.46 -5.02
C THR B 27 12.81 19.69 -3.61
N GLU B 28 11.91 19.81 -2.63
CA GLU B 28 12.34 20.04 -1.25
C GLU B 28 13.19 18.89 -0.74
N PHE B 29 12.97 17.68 -1.25
CA PHE B 29 13.68 16.50 -0.82
C PHE B 29 14.75 16.06 -1.82
N ASP B 30 15.07 16.92 -2.79
CA ASP B 30 16.15 16.67 -3.74
C ASP B 30 15.95 15.37 -4.53
N THR B 31 14.70 15.00 -4.78
N THR B 31 14.71 14.99 -4.77
CA THR B 31 14.38 13.82 -5.57
CA THR B 31 14.40 13.81 -5.57
C THR B 31 13.83 14.26 -6.91
C THR B 31 13.83 14.27 -6.91
N PRO B 32 14.34 13.76 -8.03
CA PRO B 32 13.84 14.22 -9.33
C PRO B 32 12.51 13.55 -9.66
N VAL B 33 11.75 14.21 -10.52
CA VAL B 33 10.40 13.77 -10.83
C VAL B 33 10.33 13.35 -12.30
N PRO B 34 9.49 12.39 -12.65
CA PRO B 34 9.32 12.05 -14.07
C PRO B 34 8.48 13.11 -14.75
N GLU B 35 8.55 13.12 -16.08
CA GLU B 35 7.61 13.95 -16.82
C GLU B 35 6.20 13.38 -16.66
N GLY B 36 5.21 14.21 -16.94
CA GLY B 36 3.84 13.74 -17.05
C GLY B 36 3.00 13.71 -15.80
N LEU B 37 3.47 14.27 -14.70
CA LEU B 37 2.69 14.25 -13.46
C LEU B 37 1.27 14.79 -13.68
N GLU B 38 1.14 15.91 -14.38
CA GLU B 38 -0.17 16.54 -14.56
C GLU B 38 -1.12 15.64 -15.33
N GLU B 39 -0.65 15.10 -16.47
CA GLU B 39 -1.49 14.20 -17.27
C GLU B 39 -1.90 12.99 -16.46
N ARG B 40 -0.98 12.42 -15.69
CA ARG B 40 -1.31 11.23 -14.91
C ARG B 40 -2.30 11.55 -13.80
N PHE B 41 -2.12 12.68 -13.10
CA PHE B 41 -3.09 13.05 -12.08
C PHE B 41 -4.47 13.28 -12.70
N ALA B 42 -4.53 13.85 -13.90
CA ALA B 42 -5.84 14.08 -14.52
C ALA B 42 -6.56 12.75 -14.73
N GLN B 43 -5.84 11.74 -15.20
CA GLN B 43 -6.42 10.42 -15.43
C GLN B 43 -6.81 9.73 -14.14
N ILE B 44 -5.96 9.85 -13.11
CA ILE B 44 -6.21 9.22 -11.82
C ILE B 44 -7.45 9.80 -11.18
N ILE B 45 -7.55 11.13 -11.16
CA ILE B 45 -8.70 11.79 -10.52
C ILE B 45 -10.00 11.43 -11.22
N ALA B 46 -9.95 11.26 -12.55
N ALA B 46 -9.95 11.26 -12.55
CA ALA B 46 -11.15 11.04 -13.34
CA ALA B 46 -11.15 11.03 -13.34
C ALA B 46 -11.68 9.61 -13.23
C ALA B 46 -11.68 9.62 -13.21
N HIS B 47 -10.79 8.62 -13.26
CA HIS B 47 -11.18 7.25 -13.54
C HIS B 47 -10.89 6.23 -12.44
N ASP B 48 -9.93 6.50 -11.56
CA ASP B 48 -9.42 5.46 -10.67
C ASP B 48 -10.06 5.50 -9.30
N ASP B 49 -9.82 4.45 -8.52
CA ASP B 49 -10.28 4.36 -7.13
C ASP B 49 -9.28 5.10 -6.25
N ALA B 50 -9.35 6.43 -6.34
N ALA B 50 -9.34 6.43 -6.36
CA ALA B 50 -8.37 7.30 -5.71
CA ALA B 50 -8.36 7.32 -5.76
C ALA B 50 -8.89 8.72 -5.77
C ALA B 50 -8.95 8.72 -5.73
N PHE B 51 -8.39 9.56 -4.87
CA PHE B 51 -8.80 10.96 -4.84
C PHE B 51 -7.68 11.84 -4.32
N VAL B 52 -7.80 13.13 -4.62
CA VAL B 52 -6.88 14.13 -4.08
C VAL B 52 -7.70 15.18 -3.34
N LEU B 53 -7.20 15.55 -2.17
CA LEU B 53 -7.71 16.69 -1.43
C LEU B 53 -6.74 17.84 -1.55
N LEU B 54 -7.27 19.03 -1.75
CA LEU B 54 -6.48 20.26 -1.85
C LEU B 54 -6.87 21.20 -0.73
N ALA B 55 -5.86 21.78 -0.09
CA ALA B 55 -6.03 22.93 0.81
C ALA B 55 -5.63 24.16 0.03
N GLY B 56 -6.62 24.89 -0.46
CA GLY B 56 -6.33 26.01 -1.33
C GLY B 56 -5.42 25.54 -2.45
N ASP B 57 -4.31 26.23 -2.64
CA ASP B 57 -3.26 25.77 -3.54
C ASP B 57 -1.93 25.56 -2.82
N ILE B 58 -2.00 25.29 -1.52
CA ILE B 58 -0.83 25.23 -0.66
C ILE B 58 -0.62 23.88 0.03
N GLY B 59 -1.48 22.91 -0.22
CA GLY B 59 -1.28 21.59 0.37
C GLY B 59 -2.20 20.58 -0.28
N PHE B 60 -1.81 19.30 -0.20
CA PHE B 60 -2.67 18.27 -0.74
C PHE B 60 -2.46 16.95 -0.03
N ALA B 61 -3.44 16.06 -0.21
CA ALA B 61 -3.37 14.66 0.19
C ALA B 61 -3.84 13.80 -0.95
N TYR B 62 -3.04 12.80 -1.32
CA TYR B 62 -3.38 11.88 -2.40
C TYR B 62 -3.62 10.50 -1.81
N VAL B 63 -4.85 9.99 -1.97
CA VAL B 63 -5.28 8.73 -1.35
C VAL B 63 -5.68 7.72 -2.42
N THR B 64 -5.21 6.47 -2.26
CA THR B 64 -5.61 5.35 -3.11
C THR B 64 -6.43 4.36 -2.28
N LEU B 65 -7.38 3.70 -2.94
CA LEU B 65 -8.27 2.70 -2.36
C LEU B 65 -8.07 1.40 -3.11
N ARG B 66 -7.74 0.33 -2.43
CA ARG B 66 -7.46 -0.95 -3.04
C ARG B 66 -8.18 -2.06 -2.28
N PRO B 67 -8.38 -3.20 -2.89
CA PRO B 67 -9.23 -4.21 -2.25
C PRO B 67 -8.49 -4.91 -1.13
N SER B 68 -9.26 -5.47 -0.20
CA SER B 68 -8.76 -6.25 0.91
C SER B 68 -9.74 -7.37 1.23
N PRO B 69 -9.25 -8.58 1.49
CA PRO B 69 -10.14 -9.65 1.95
C PRO B 69 -10.59 -9.47 3.40
N TYR B 70 -10.03 -8.53 4.13
CA TYR B 70 -10.36 -8.33 5.58
C TYR B 70 -11.60 -7.49 5.79
N TYR B 71 -12.06 -6.76 4.78
CA TYR B 71 -13.14 -5.80 4.93
C TYR B 71 -14.02 -5.80 3.68
N ASP B 72 -15.31 -5.42 3.86
CA ASP B 72 -16.12 -5.23 2.67
C ASP B 72 -15.64 -4.05 1.84
N GLY B 73 -15.15 -3.03 2.48
CA GLY B 73 -14.63 -1.86 1.86
C GLY B 73 -13.16 -2.00 1.59
N PRO B 74 -12.59 -0.93 1.07
CA PRO B 74 -11.18 -0.97 0.65
C PRO B 74 -10.25 -0.72 1.83
N VAL B 75 -8.99 -0.97 1.61
N VAL B 75 -8.96 -0.93 1.61
CA VAL B 75 -7.90 -0.38 2.37
CA VAL B 75 -7.93 -0.39 2.46
C VAL B 75 -7.51 0.91 1.70
C VAL B 75 -7.34 0.83 1.78
N ALA B 76 -7.32 1.97 2.49
CA ALA B 76 -6.88 3.23 2.00
C ALA B 76 -5.42 3.44 2.30
N MET B 77 -4.75 4.08 1.38
CA MET B 77 -3.35 4.45 1.53
C MET B 77 -3.23 5.95 1.26
N LEU B 78 -2.62 6.67 2.21
CA LEU B 78 -2.29 8.07 2.01
C LEU B 78 -0.90 8.05 1.38
N ASP B 79 -0.90 8.08 0.08
N ASP B 79 -0.92 8.06 0.06
CA ASP B 79 0.34 7.90 -0.68
CA ASP B 79 0.31 7.91 -0.71
C ASP B 79 1.18 9.17 -0.72
C ASP B 79 1.18 9.15 -0.61
N GLU B 80 0.56 10.33 -0.51
CA GLU B 80 1.29 11.60 -0.43
C GLU B 80 0.52 12.57 0.44
N LEU B 81 1.24 13.28 1.32
CA LEU B 81 0.66 14.35 2.15
C LEU B 81 1.70 15.44 2.23
N TYR B 82 1.32 16.65 1.81
CA TYR B 82 2.30 17.72 1.71
C TYR B 82 1.61 19.06 1.98
N VAL B 83 2.25 19.88 2.80
CA VAL B 83 1.86 21.25 3.04
C VAL B 83 3.07 22.12 2.70
N ALA B 84 2.87 23.17 1.93
CA ALA B 84 4.00 24.02 1.54
C ALA B 84 4.72 24.56 2.79
N PRO B 85 6.06 24.66 2.76
CA PRO B 85 6.80 24.96 3.99
C PRO B 85 6.32 26.20 4.72
N ALA B 86 6.00 27.28 4.00
CA ALA B 86 5.61 28.51 4.67
C ALA B 86 4.25 28.43 5.36
N HIS B 87 3.48 27.38 5.12
CA HIS B 87 2.14 27.24 5.67
C HIS B 87 2.04 26.14 6.71
N ARG B 88 3.15 25.57 7.16
CA ARG B 88 3.14 24.49 8.13
C ARG B 88 2.92 25.02 9.54
N ASN B 89 2.59 24.10 10.44
CA ASN B 89 2.43 24.38 11.87
C ASN B 89 1.31 25.36 12.14
N ARG B 90 0.30 25.38 11.27
N ARG B 90 0.31 25.38 11.26
CA ARG B 90 -0.88 26.21 11.47
CA ARG B 90 -0.89 26.21 11.46
C ARG B 90 -2.16 25.38 11.37
C ARG B 90 -2.16 25.37 11.40
N GLY B 91 -2.04 24.05 11.36
CA GLY B 91 -3.19 23.17 11.33
C GLY B 91 -3.64 22.68 9.95
N VAL B 92 -2.95 23.06 8.88
CA VAL B 92 -3.35 22.62 7.54
C VAL B 92 -3.23 21.11 7.41
N GLY B 93 -2.07 20.55 7.79
CA GLY B 93 -1.89 19.11 7.70
C GLY B 93 -2.91 18.34 8.53
N THR B 94 -3.19 18.81 9.74
CA THR B 94 -4.24 18.20 10.57
C THR B 94 -5.57 18.24 9.84
N ALA B 95 -5.92 19.37 9.23
CA ALA B 95 -7.20 19.45 8.55
C ALA B 95 -7.26 18.50 7.36
N LEU B 96 -6.17 18.41 6.59
CA LEU B 96 -6.14 17.47 5.47
C LEU B 96 -6.31 16.05 5.95
N LEU B 97 -5.60 15.66 7.01
CA LEU B 97 -5.68 14.29 7.49
C LEU B 97 -7.07 14.00 8.06
N GLN B 98 -7.68 14.95 8.76
N GLN B 98 -7.65 14.95 8.80
CA GLN B 98 -9.03 14.74 9.24
CA GLN B 98 -9.02 14.79 9.23
C GLN B 98 -10.00 14.55 8.07
C GLN B 98 -9.93 14.49 8.05
N ARG B 99 -9.79 15.28 6.97
CA ARG B 99 -10.66 15.09 5.82
C ARG B 99 -10.36 13.76 5.11
N VAL B 100 -9.12 13.29 5.14
CA VAL B 100 -8.81 11.96 4.63
C VAL B 100 -9.66 10.93 5.36
N PHE B 101 -9.65 10.99 6.69
CA PHE B 101 -10.46 10.04 7.47
C PHE B 101 -11.95 10.17 7.15
N GLU B 102 -12.45 11.39 7.03
N GLU B 102 -12.44 11.41 7.01
CA GLU B 102 -13.85 11.56 6.67
CA GLU B 102 -13.84 11.62 6.68
C GLU B 102 -14.16 10.95 5.32
C GLU B 102 -14.21 11.06 5.31
N GLU B 103 -13.32 11.24 4.30
CA GLU B 103 -13.66 10.78 2.97
C GLU B 103 -13.56 9.27 2.85
N ILE B 104 -12.54 8.67 3.47
CA ILE B 104 -12.46 7.22 3.36
C ILE B 104 -13.57 6.53 4.14
N ARG B 105 -14.11 7.22 5.16
CA ARG B 105 -15.26 6.65 5.88
C ARG B 105 -16.49 6.56 5.00
N LYS B 106 -16.65 7.48 4.03
CA LYS B 106 -17.74 7.39 3.06
C LYS B 106 -17.64 6.13 2.20
N HIS B 107 -16.43 5.60 2.00
CA HIS B 107 -16.16 4.37 1.29
C HIS B 107 -16.07 3.16 2.22
N SER B 108 -16.34 3.33 3.51
CA SER B 108 -16.25 2.25 4.50
C SER B 108 -14.88 1.58 4.46
N ALA B 109 -13.83 2.38 4.26
CA ALA B 109 -12.49 1.83 4.32
C ALA B 109 -12.20 1.20 5.66
N GLY B 110 -11.57 0.05 5.65
CA GLY B 110 -11.30 -0.64 6.90
C GLY B 110 -10.07 -0.20 7.60
N GLU B 111 -9.13 0.47 6.91
N GLU B 111 -9.23 0.61 6.96
CA GLU B 111 -7.85 0.83 7.48
CA GLU B 111 -7.93 0.92 7.48
C GLU B 111 -7.25 1.91 6.62
C GLU B 111 -7.33 2.00 6.63
N LEU B 112 -6.45 2.80 7.25
CA LEU B 112 -5.58 3.75 6.55
C LEU B 112 -4.14 3.36 6.80
N GLN B 113 -3.37 3.34 5.71
CA GLN B 113 -1.93 3.04 5.75
C GLN B 113 -1.14 4.21 5.17
N ILE B 114 0.05 4.44 5.74
CA ILE B 114 0.96 5.52 5.32
C ILE B 114 2.39 5.00 5.45
N ASN B 115 3.19 5.22 4.42
CA ASN B 115 4.61 4.92 4.42
C ASN B 115 5.35 6.20 4.81
N VAL B 116 6.33 6.07 5.70
N VAL B 116 6.33 6.08 5.70
CA VAL B 116 7.09 7.21 6.23
CA VAL B 116 7.11 7.25 6.11
C VAL B 116 8.54 6.79 6.45
C VAL B 116 8.53 6.81 6.43
N ASP B 117 9.48 7.67 6.11
CA ASP B 117 10.88 7.39 6.39
C ASP B 117 11.14 7.54 7.88
N GLU B 118 11.93 6.60 8.42
CA GLU B 118 12.27 6.61 9.83
C GLU B 118 12.89 7.94 10.24
N VAL B 119 13.71 8.55 9.38
CA VAL B 119 14.42 9.77 9.73
C VAL B 119 13.48 10.98 9.83
N ASP B 120 12.27 10.85 9.29
CA ASP B 120 11.32 11.97 9.22
C ASP B 120 10.54 12.05 10.53
N THR B 121 11.26 12.43 11.61
CA THR B 121 10.65 12.39 12.93
C THR B 121 9.50 13.37 13.08
N ASP B 122 9.54 14.51 12.40
CA ASP B 122 8.41 15.42 12.51
C ASP B 122 7.14 14.81 11.94
N ALA B 123 7.25 14.16 10.77
CA ALA B 123 6.08 13.51 10.20
C ALA B 123 5.62 12.37 11.08
N ARG B 124 6.56 11.57 11.58
CA ARG B 124 6.23 10.47 12.47
C ARG B 124 5.46 10.98 13.69
N ARG B 125 5.94 12.03 14.33
CA ARG B 125 5.26 12.58 15.50
C ARG B 125 3.86 13.05 15.13
N PHE B 126 3.72 13.70 13.98
CA PHE B 126 2.41 14.15 13.49
C PHE B 126 1.47 12.97 13.34
N TYR B 127 1.91 11.91 12.71
CA TYR B 127 1.02 10.76 12.50
C TYR B 127 0.69 10.07 13.79
N GLU B 128 1.66 9.93 14.70
CA GLU B 128 1.39 9.30 16.00
C GLU B 128 0.41 10.12 16.82
N ARG B 129 0.49 11.44 16.74
CA ARG B 129 -0.40 12.28 17.50
C ARG B 129 -1.80 12.28 16.94
N HIS B 130 -2.00 11.80 15.73
CA HIS B 130 -3.27 11.76 15.05
C HIS B 130 -3.74 10.34 14.80
N GLY B 131 -3.29 9.40 15.62
CA GLY B 131 -3.92 8.11 15.74
C GLY B 131 -3.33 6.99 14.91
N LEU B 132 -2.19 7.22 14.29
CA LEU B 132 -1.55 6.16 13.53
C LEU B 132 -0.43 5.51 14.33
N THR B 133 -0.21 4.23 14.06
CA THR B 133 0.79 3.44 14.78
C THR B 133 1.68 2.66 13.81
N ASN B 134 2.92 2.53 14.25
CA ASN B 134 3.93 1.71 13.54
C ASN B 134 3.97 0.29 14.13
N ILE B 135 3.18 -0.02 15.13
CA ILE B 135 3.26 -1.28 15.87
C ILE B 135 2.10 -2.18 15.52
N GLU B 136 2.38 -3.41 15.18
CA GLU B 136 1.39 -4.48 14.98
C GLU B 136 1.92 -5.74 15.64
N GLN B 137 1.09 -6.36 16.47
N GLN B 137 1.10 -6.37 16.47
CA GLN B 137 1.48 -7.57 17.17
CA GLN B 137 1.50 -7.61 17.14
C GLN B 137 2.86 -7.40 17.80
C GLN B 137 2.80 -7.45 17.94
N GLY B 138 3.06 -6.25 18.42
CA GLY B 138 4.26 -6.00 19.21
C GLY B 138 5.53 -5.78 18.43
N SER B 139 5.43 -5.52 17.14
CA SER B 139 6.58 -5.31 16.28
C SER B 139 6.38 -4.07 15.43
N ARG B 140 7.50 -3.40 15.11
CA ARG B 140 7.43 -2.35 14.11
C ARG B 140 7.14 -2.96 12.75
N MET B 141 6.53 -2.17 11.90
CA MET B 141 6.21 -2.54 10.52
C MET B 141 7.11 -1.79 9.57
N LEU B 142 7.71 -2.54 8.64
CA LEU B 142 8.68 -2.01 7.68
C LEU B 142 8.10 -2.08 6.27
N LEU B 143 8.58 -1.19 5.41
N LEU B 143 8.52 -1.14 5.44
CA LEU B 143 8.18 -1.14 4.01
CA LEU B 143 8.20 -1.17 4.01
C LEU B 143 9.38 -1.49 3.14
C LEU B 143 9.44 -1.59 3.24
N TYR B 144 9.28 -2.61 2.41
CA TYR B 144 10.30 -3.05 1.46
C TYR B 144 9.79 -2.76 0.06
N ILE B 145 10.70 -2.33 -0.81
CA ILE B 145 10.35 -2.00 -2.19
C ILE B 145 11.38 -2.53 -3.17
N ARG B 146 10.92 -2.67 -4.41
CA ARG B 146 11.84 -2.75 -5.56
C ARG B 146 11.31 -1.84 -6.65
N GLU B 147 12.12 -0.87 -7.08
CA GLU B 147 11.76 -0.04 -8.21
C GLU B 147 12.00 -0.79 -9.52
N LEU B 148 11.07 -0.63 -10.48
CA LEU B 148 11.08 -1.40 -11.72
C LEU B 148 10.97 -0.53 -12.94
N1A COA C . 9.27 -18.00 8.36
N1A COA C . 19.00 -22.46 -3.89
C2A COA C . 9.84 -16.91 7.76
C2A COA C . 19.58 -22.22 -2.68
N3A COA C . 10.76 -17.04 6.80
N3A COA C . 18.82 -21.92 -1.62
C4A COA C . 11.14 -18.27 6.40
C4A COA C . 17.48 -21.88 -1.74
C5A COA C . 10.59 -19.35 6.99
C5A COA C . 16.92 -22.12 -2.92
C6A COA C . 9.66 -19.20 7.97
C6A COA C . 17.69 -22.41 -4.01
N6A COA C . 8.82 -20.01 8.85
N6A COA C . 17.55 -22.74 -5.42
N7A COA C . 11.11 -20.45 6.46
N7A COA C . 15.60 -22.03 -2.81
C8A COA C . 11.99 -20.05 5.50
C8A COA C . 15.32 -21.72 -1.54
N9A COA C . 12.02 -18.75 5.47
N9A COA C . 16.47 -21.61 -0.89
C1B COA C . 12.80 -17.91 4.66
C1B COA C . 16.78 -21.34 0.46
C2B COA C . 14.09 -17.95 5.00
C2B COA C . 17.28 -20.13 0.68
O2B COA C . 14.80 -16.68 4.74
O2B COA C . 18.36 -20.26 1.70
C3B COA C . 14.78 -18.98 4.07
C3B COA C . 16.14 -19.27 1.28
O3B COA C . 16.07 -18.76 3.84
O3B COA C . 16.62 -18.38 2.16
P3B COA C . 17.27 -19.58 4.66
P3B COA C . 17.22 -16.95 1.63
O7A COA C . 17.59 -20.85 3.90
O7A COA C . 16.58 -15.83 2.38
O8A COA C . 18.50 -18.70 4.65
O8A COA C . 18.72 -16.90 1.87
O9A COA C . 16.81 -19.89 6.06
O9A COA C . 16.94 -16.81 0.15
C4B COA C . 13.97 -18.63 2.73
C4B COA C . 15.20 -20.33 1.98
O4B COA C . 12.74 -18.51 3.12
O4B COA C . 15.34 -21.43 1.29
C5B COA C . 14.19 -19.74 1.68
C5B COA C . 13.72 -19.89 1.92
O5B COA C . 13.78 -19.34 0.37
O5B COA C . 13.30 -19.77 0.56
P1A COA C . 12.45 -20.09 -0.28
P1A COA C . 12.04 -20.69 -0.03
O1A COA C . 12.31 -19.69 -1.71
O1A COA C . 11.82 -20.38 -1.44
O2A COA C . 12.54 -21.60 -0.04
O2A COA C . 12.27 -22.15 0.28
O3A COA C . 11.22 -19.42 0.59
O3A COA C . 10.72 -20.02 0.68
P2A COA C . 9.98 -20.18 1.37
P2A COA C . 9.41 -20.78 1.33
O4A COA C . 9.35 -21.16 0.42
O4A COA C . 8.71 -21.76 0.44
O5A COA C . 10.35 -20.73 2.71
O5A COA C . 9.71 -21.33 2.71
O6A COA C . 8.95 -18.90 1.51
O6A COA C . 8.38 -19.50 1.48
CBP COA C . 8.11 -17.39 3.14
CBP COA C . 7.93 -17.71 2.98
CCP COA C . 9.30 -17.75 2.24
CCP COA C . 8.95 -18.31 1.99
CDP COA C . 8.56 -16.21 4.10
CDP COA C . 8.63 -16.50 3.75
CEP COA C . 6.94 -16.90 2.22
CEP COA C . 6.70 -17.17 2.17
CAP COA C . 7.64 -18.65 3.89
CAP COA C . 7.49 -18.87 3.91
OAP COA C . 8.71 -19.12 4.68
OAP COA C . 8.60 -19.26 4.71
C9P COA C . 6.46 -18.37 4.79
C9P COA C . 6.36 -18.52 4.86
O9P COA C . 5.32 -18.39 4.38
O9P COA C . 5.20 -18.72 4.57
N8P COA C . 6.80 -18.06 6.20
N8P COA C . 6.77 -17.95 6.17
C7P COA C . 5.79 -17.77 7.27
C7P COA C . 5.75 -17.59 7.21
C6P COA C . 4.89 -16.59 6.87
C6P COA C . 4.78 -16.58 6.62
C5P COA C . 5.72 -15.35 6.44
C5P COA C . 5.47 -15.21 6.32
O5P COA C . 6.62 -14.98 7.11
O5P COA C . 6.35 -14.82 7.03
N4P COA C . 5.37 -14.66 5.21
N4P COA C . 5.03 -14.43 5.18
C3P COA C . 6.15 -13.48 4.80
C3P COA C . 5.65 -13.14 4.88
C2P COA C . 5.34 -12.20 5.06
C2P COA C . 5.24 -12.18 6.03
S1P COA C . 6.39 -10.88 5.77
S1P COA C . 6.31 -10.69 5.95
H2A COA C . 9.57 -16.05 8.03
H2A COA C . 20.50 -22.25 -2.60
H61A COA C . 8.85 -20.87 8.81
H61A COA C . 17.68 -22.13 -6.02
H62A COA C . 8.30 -19.62 9.42
H62A COA C . 17.34 -23.54 -5.66
H8A COA C . 12.49 -20.62 4.97
H8A COA C . 14.48 -21.60 -1.18
H1B COA C . 12.51 -16.98 4.71
H1B COA C . 17.45 -21.95 0.78
H2B COA C . 14.12 -18.20 5.94
H2B COA C . 17.59 -19.74 -0.15
HO2A COA C . 15.64 -16.79 4.72
HO2A COA C . 19.11 -20.14 1.33
H3B COA C . 14.69 -19.88 4.41
H3B COA C . 15.67 -18.79 0.59
H4B COA C . 14.25 -17.79 2.33
H4B COA C . 15.47 -20.45 2.90
H51A COA C . 13.68 -20.53 1.94
H51A COA C . 13.16 -20.55 2.37
H52A COA C . 15.14 -19.97 1.66
H52A COA C . 13.63 -19.03 2.36
H121 COA C . 9.50 -17.02 1.63
H121 COA C . 9.10 -17.70 1.26
H122 COA C . 10.09 -17.94 2.78
H122 COA C . 9.78 -18.51 2.44
H131 COA C . 7.84 -16.00 4.71
H131 COA C . 8.16 -16.34 4.59
H132 COA C . 8.78 -15.42 3.57
H132 COA C . 8.58 -15.70 3.21
H133 COA C . 9.33 -16.50 4.61
H133 COA C . 9.55 -16.71 3.93
H141 COA C . 6.23 -16.51 2.77
H141 COA C . 6.12 -16.67 2.76
H142 COA C . 6.57 -17.66 1.74
H142 COA C . 6.21 -17.92 1.80
H143 COA C . 7.25 -16.25 1.59
H143 COA C . 7.00 -16.60 1.45
H10 COA C . 7.37 -19.32 3.23
H10 COA C . 7.17 -19.58 3.32
HO1 COA C . 9.23 -19.59 4.20
HO1 COA C . 8.91 -19.99 4.43
HN8 COA C . 7.64 -18.05 6.42
HN8 COA C . 7.61 -17.84 6.34
H71 COA C . 6.25 -17.54 8.10
H71 COA C . 6.19 -17.21 7.97
H72 COA C . 5.24 -18.55 7.41
H72 COA C . 5.27 -18.39 7.48
H61 COA C . 4.33 -16.35 7.62
H61 COA C . 4.06 -16.43 7.26
H62 COA C . 4.33 -16.87 6.13
H62 COA C . 4.41 -16.92 5.80
HN4 COA C . 4.71 -14.93 4.74
HN4 COA C . 4.39 -14.73 4.68
H31 COA C . 6.98 -13.45 5.31
H31 COA C . 6.62 -13.24 4.86
H32 COA C . 6.36 -13.56 3.86
H32 COA C . 5.35 -12.80 4.03
H21 COA C . 4.62 -12.39 5.68
H21 COA C . 4.31 -11.92 5.92
H22 COA C . 4.97 -11.88 4.22
H22 COA C . 5.36 -12.62 6.88
HS1 COA C . 5.82 -9.83 5.72
HS1 COA C . 5.64 -9.74 5.66
C13 DVM D . -1.07 -5.53 6.87
N21 DVM D . -1.73 -11.93 7.22
C22 DVM D . 2.87 -8.24 7.20
C23 DVM D . -1.73 -4.51 7.81
C42 DVM D . 0.94 -9.55 6.11
C DVM D . 3.08 -10.24 3.94
O DVM D . 2.69 -11.38 4.10
CH3 DVM D . 3.64 -9.86 2.59
C11 DVM D . 0.60 -11.59 7.23
C12 DVM D . 1.65 -7.70 7.93
C21 DVM D . -0.39 -12.27 7.87
C31 DVM D . -0.46 -11.96 9.45
C32 DVM D . 2.46 -9.40 6.28
C33 DVM D . -2.85 -5.12 8.56
C41 DVM D . 0.78 -12.20 10.12
C43 DVM D . -3.85 -5.70 7.66
C51 DVM D . 2.10 -12.29 9.22
C52 DVM D . 0.16 -8.21 5.97
C53 DVM D . -3.21 -6.73 6.72
C61 DVM D . 3.49 -12.42 9.86
C62 DVM D . 0.65 -7.09 6.93
C83 DVM D . -4.99 -6.44 8.44
C93 DVM D . -4.09 -4.43 10.63
N12 DVM D . 2.05 -6.66 8.88
N32 DVM D . 3.01 -9.19 4.95
N33 DVM D . -3.49 -4.00 9.39
N61 DVM D . 3.53 -11.69 11.12
O11 DVM D . 0.41 -10.23 7.27
O23 DVM D . -0.72 -4.00 8.72
O43 DVM D . -4.40 -4.70 6.84
O51 DVM D . 2.07 -11.93 7.90
O52 DVM D . 0.30 -7.70 4.65
O53 DVM D . -2.08 -6.14 6.00
O62 DVM D . -0.44 -6.50 7.61
H1 DVM D . -0.41 -5.11 6.34
H2 DVM D . -1.82 -12.36 6.47
H3 DVM D . -2.38 -12.16 7.75
H5 DVM D . 3.26 -7.55 6.69
H6 DVM D . 3.50 -8.54 7.82
H7 DVM D . -2.06 -3.78 7.32
H8 DVM D . 0.80 -10.06 5.34
H9 DVM D . 3.03 -10.08 1.91
H10 DVM D . 4.45 -10.32 2.44
H11 DVM D . 3.81 -8.94 2.57
H12 DVM D . 0.56 -11.84 6.32
H13 DVM D . 1.24 -8.39 8.41
H14 DVM D . -0.25 -13.19 7.77
H15 DVM D . -0.69 -11.06 9.57
H16 DVM D . -1.12 -12.51 9.84
H17 DVM D . 2.81 -10.18 6.67
H18 DVM D . -2.55 -5.80 9.13
H19 DVM D . 0.78 -12.56 10.98
H22 DVM D . -0.73 -8.42 6.15
H23 DVM D . -3.85 -7.04 6.12
H24 DVM D . -2.91 -7.47 7.24
H25 DVM D . 4.14 -12.08 9.27
H26 DVM D . 3.68 -13.33 10.02
H27 DVM D . 1.05 -6.41 6.43
H28 DVM D . -5.42 -7.05 7.87
H29 DVM D . -5.62 -5.81 8.76
H30 DVM D . -4.62 -6.90 9.16
H31 DVM D . -3.59 -5.14 11.00
H32 DVM D . -4.13 -3.72 11.23
H33 DVM D . -4.96 -4.74 10.46
H34 DVM D . 2.69 -6.96 9.39
H35 DVM D . 2.30 -5.95 8.47
H37 DVM D . 3.31 -8.41 4.75
H38 DVM D . -4.11 -3.64 8.90
H40 DVM D . 3.78 -12.24 11.75
H41 DVM D . 4.11 -11.05 11.05
H43 DVM D . -0.65 -3.18 8.60
H44 DVM D . -5.15 -4.93 6.59
H45 DVM D . -0.46 -7.65 4.31
N1A ACO E . -2.28 26.48 15.49
C2A ACO E . -0.94 26.42 15.86
N3A ACO E . -0.07 25.39 15.87
C4A ACO E . -0.66 24.21 15.42
C5A ACO E . -2.02 24.11 15.01
C6A ACO E . -2.80 25.27 15.07
N6A ACO E . -4.14 25.22 14.66
N7A ACO E . -2.33 22.79 14.61
C8A ACO E . -1.17 22.13 14.79
N9A ACO E . -0.13 22.92 15.31
C1B ACO E . 1.30 22.49 15.58
C2B ACO E . 1.54 21.29 16.53
O2B ACO E . 2.63 21.60 17.34
C3B ACO E . 1.73 20.05 15.52
O3B ACO E . 2.70 19.27 15.98
P3B ACO E . 2.51 17.48 16.31
O7A ACO E . 1.02 17.39 16.39
O8A ACO E . 3.33 17.43 17.59
O9A ACO E . 3.15 16.82 15.11
C4B ACO E . 2.29 20.82 14.29
O4B ACO E . 1.73 22.14 14.31
C5B ACO E . 1.94 20.15 12.91
O5B ACO E . 0.55 20.10 12.70
P1A ACO E . -0.15 20.80 11.44
O1A ACO E . 0.21 22.27 11.52
O2A ACO E . -1.59 20.42 11.38
O3A ACO E . 0.55 20.26 10.15
P2A ACO E . 1.33 20.83 8.92
O4A ACO E . 0.45 21.72 8.13
O5A ACO E . 2.68 21.28 9.42
O6A ACO E . 1.66 19.48 8.00
CBP ACO E . 3.05 17.75 7.34
CCP ACO E . 2.30 18.38 8.50
CDP ACO E . 3.67 16.46 7.87
CEP ACO E . 2.10 17.53 6.22
CAP ACO E . 4.07 18.78 6.86
OAP ACO E . 5.13 18.85 7.76
C9P ACO E . 4.78 18.47 5.57
O9P ACO E . 4.39 18.66 4.41
N8P ACO E . 6.06 17.94 5.67
C7P ACO E . 6.98 17.61 4.58
C6P ACO E . 6.52 16.38 3.85
C5P ACO E . 6.15 15.21 4.69
O5P ACO E . 6.82 14.87 5.64
N4P ACO E . 5.00 14.47 4.28
C3P ACO E . 4.42 13.27 4.93
C2P ACO E . 5.42 12.05 5.08
S1P ACO E . 4.85 10.56 4.17
C ACO E . 3.64 11.04 2.92
O ACO E . 3.85 11.78 2.00
CH3 ACO E . 2.31 10.40 3.19
H2A ACO E . -0.60 27.24 16.15
H61A ACO E . -4.36 25.34 13.84
H62A ACO E . -4.74 25.06 15.25
H8A ACO E . -1.04 21.22 14.61
H1B ACO E . 1.76 23.25 15.96
H2B ACO E . 0.73 21.14 17.05
HO2A ACO E . 3.34 21.50 16.86
H3B ACO E . 0.87 19.66 15.33
H4B ACO E . 3.25 20.97 14.35
H51A ACO E . 2.33 19.27 12.88
H52A ACO E . 2.38 20.63 12.20
H121 ACO E . 1.69 17.74 8.89
H122 ACO E . 2.91 18.61 9.21
H131 ACO E . 4.11 16.61 8.71
H132 ACO E . 4.32 16.11 7.24
H133 ACO E . 2.98 15.78 8.00
H141 ACO E . 2.50 16.95 5.54
H142 ACO E . 1.86 18.37 5.80
H143 ACO E . 1.28 17.10 6.54
H10 ACO E . 3.63 19.64 6.74
HO1 ACO E . 4.84 19.19 8.48
HN8 ACO E . 6.35 17.79 6.46
H71 ACO E . 7.06 18.35 3.98
H72 ACO E . 7.87 17.47 4.94
H61 ACO E . 5.76 16.57 3.29
H62 ACO E . 7.20 16.06 3.22
HN4 ACO E . 4.36 15.01 4.00
H31 ACO E . 4.07 13.51 5.80
H32 ACO E . 3.65 12.98 4.43
H21 ACO E . 6.31 12.29 4.78
H22 ACO E . 5.54 11.82 6.02
HH31 ACO E . 2.37 9.61 3.75
HH32 ACO E . 1.86 10.10 2.38
HH33 ACO E . 1.68 10.98 3.63
#